data_5W5Q
#
_entry.id   5W5Q
#
_cell.length_a   80.611
_cell.length_b   89.676
_cell.length_c   90.650
_cell.angle_alpha   90.000
_cell.angle_beta   90.000
_cell.angle_gamma   90.000
#
_symmetry.space_group_name_H-M   'P 21 21 21'
#
loop_
_entity.id
_entity.type
_entity.pdbx_description
1 polymer 'Mitogen-activated protein kinase kinase kinase kinase 4'
2 non-polymer (5s,7s)-N~3~-methyl-10-[3-methyl-3-(5-methyl-1,3-oxazol-2-yl)but-1-yn-1-yl]-6,7-dihydro-5H-5,7-methanoimidazo[2,1-a][2]benzazepine-2,3-dicarboxamide
3 water water
#
_entity_poly.entity_id   1
_entity_poly.type   'polypeptide(L)'
_entity_poly.pdbx_seq_one_letter_code
;GSANDSPAKSLVDIDLSSLRDPAGIFELVEVVGNGTYGQVYKGRHVKTGQLAAIKVMDVTEDEEEEIKLEINMLKKYSHH
RNIATYYGAFIKKSPPGHDDQLWLVMEFCGAGSITDLVKNTKGNTLKEDWIAYISREILRGLAHLHIHHVIHRDIKGQNV
LLTENAEVKLVDFGVSAQLDRTVGRRNTFIGTPYWMAPEVIACDENPDATYDYRSDLWSCGITAIEMAEGAPPLCDMHPM
RALFLIPRNPPPRLKSKKWSKKFFSFIEGCLVKNYMQRPSTEQLLKHPFIRDQPNERQVRIQLKDHIDRTRKKRGEKDET
EYEYSGSEEGNS
;
_entity_poly.pdbx_strand_id   A,B
#
loop_
_chem_comp.id
_chem_comp.type
_chem_comp.name
_chem_comp.formula
9X4 non-polymer (5s,7s)-N~3~-methyl-10-[3-methyl-3-(5-methyl-1,3-oxazol-2-yl)but-1-yn-1-yl]-6,7-dihydro-5H-5,7-methanoimidazo[2,1-a][2]benzazepine-2,3-dicarboxamide 'C25 H25 N5 O3'
#
# COMPACT_ATOMS: atom_id res chain seq x y z
N SER A 18 15.12 17.51 -15.85
CA SER A 18 16.51 17.10 -16.14
C SER A 18 16.69 15.56 -16.17
N LEU A 19 15.66 14.79 -15.74
CA LEU A 19 15.68 13.33 -15.75
C LEU A 19 15.34 12.81 -17.15
N ARG A 20 16.28 12.06 -17.76
CA ARG A 20 16.09 11.54 -19.11
C ARG A 20 15.22 10.28 -19.13
N ASP A 21 14.85 9.85 -20.34
CA ASP A 21 14.07 8.66 -20.57
C ASP A 21 15.02 7.45 -20.41
N PRO A 22 14.58 6.30 -19.81
CA PRO A 22 15.52 5.17 -19.63
C PRO A 22 15.79 4.31 -20.88
N ALA A 23 15.11 4.61 -22.01
CA ALA A 23 15.23 3.85 -23.27
C ALA A 23 16.68 3.72 -23.74
N GLY A 24 17.14 2.47 -23.82
CA GLY A 24 18.51 2.15 -24.22
C GLY A 24 19.54 2.23 -23.11
N ILE A 25 19.09 2.58 -21.88
CA ILE A 25 19.94 2.72 -20.70
C ILE A 25 19.59 1.60 -19.73
N PHE A 26 18.32 1.53 -19.33
CA PHE A 26 17.81 0.47 -18.48
C PHE A 26 16.52 -0.12 -19.05
N GLU A 27 16.32 -1.40 -18.81
CA GLU A 27 15.11 -2.11 -19.21
C GLU A 27 14.60 -2.96 -18.06
N LEU A 28 13.29 -3.10 -17.93
CA LEU A 28 12.66 -3.90 -16.90
C LEU A 28 12.58 -5.33 -17.36
N VAL A 29 12.92 -6.28 -16.50
CA VAL A 29 12.86 -7.69 -16.87
C VAL A 29 11.59 -8.34 -16.25
N GLU A 30 11.46 -8.31 -14.91
CA GLU A 30 10.32 -8.89 -14.18
C GLU A 30 10.15 -8.23 -12.80
N VAL A 31 8.96 -8.34 -12.20
CA VAL A 31 8.66 -7.78 -10.88
C VAL A 31 9.32 -8.66 -9.79
N VAL A 32 10.00 -8.03 -8.82
CA VAL A 32 10.67 -8.73 -7.72
C VAL A 32 9.89 -8.57 -6.42
N GLY A 33 9.11 -7.51 -6.33
CA GLY A 33 8.30 -7.21 -5.17
C GLY A 33 7.54 -5.90 -5.26
N ASN A 34 7.23 -5.34 -4.10
CA ASN A 34 6.49 -4.09 -3.97
C ASN A 34 7.07 -3.27 -2.84
N GLY A 35 6.96 -1.95 -2.96
CA GLY A 35 7.31 -1.01 -1.88
C GLY A 35 6.03 -0.66 -1.16
N THR A 36 5.95 0.55 -0.56
CA THR A 36 4.69 0.99 0.05
C THR A 36 3.80 1.49 -1.09
N TYR A 37 4.45 2.08 -2.11
CA TYR A 37 3.84 2.51 -3.36
C TYR A 37 4.72 2.03 -4.53
N GLY A 38 4.05 1.70 -5.63
CA GLY A 38 4.69 1.24 -6.85
C GLY A 38 5.16 -0.20 -6.76
N GLN A 39 5.96 -0.60 -7.74
CA GLN A 39 6.51 -1.95 -7.84
C GLN A 39 8.01 -1.91 -8.00
N VAL A 40 8.68 -2.95 -7.55
CA VAL A 40 10.12 -3.06 -7.69
C VAL A 40 10.40 -4.18 -8.71
N TYR A 41 11.19 -3.86 -9.73
CA TYR A 41 11.55 -4.76 -10.80
C TYR A 41 13.02 -5.12 -10.75
N LYS A 42 13.32 -6.28 -11.31
CA LYS A 42 14.62 -6.75 -11.67
C LYS A 42 14.78 -6.01 -13.03
N GLY A 43 15.82 -5.22 -13.13
CA GLY A 43 16.13 -4.43 -14.32
C GLY A 43 17.53 -4.72 -14.81
N ARG A 44 17.83 -4.26 -16.03
CA ARG A 44 19.10 -4.53 -16.69
C ARG A 44 19.68 -3.30 -17.34
N HIS A 45 20.97 -3.06 -17.11
CA HIS A 45 21.68 -1.99 -17.79
C HIS A 45 21.89 -2.56 -19.20
N VAL A 46 21.27 -1.93 -20.22
CA VAL A 46 21.27 -2.38 -21.62
C VAL A 46 22.69 -2.68 -22.16
N LYS A 47 23.60 -1.72 -22.05
CA LYS A 47 24.95 -1.80 -22.60
C LYS A 47 25.84 -2.86 -21.96
N THR A 48 25.73 -3.13 -20.65
CA THR A 48 26.58 -4.12 -19.97
C THR A 48 25.90 -5.43 -19.64
N GLY A 49 24.56 -5.41 -19.53
CA GLY A 49 23.79 -6.59 -19.15
C GLY A 49 23.72 -6.79 -17.64
N GLN A 50 24.39 -5.90 -16.89
CA GLN A 50 24.39 -5.96 -15.44
C GLN A 50 22.99 -5.67 -14.89
N LEU A 51 22.59 -6.45 -13.89
CA LEU A 51 21.30 -6.29 -13.24
C LEU A 51 21.30 -5.07 -12.32
N ALA A 52 20.10 -4.56 -12.04
CA ALA A 52 19.85 -3.42 -11.18
C ALA A 52 18.41 -3.57 -10.70
N ALA A 53 18.06 -3.03 -9.53
CA ALA A 53 16.68 -3.10 -9.08
C ALA A 53 16.09 -1.76 -9.34
N ILE A 54 14.85 -1.76 -9.86
CA ILE A 54 14.23 -0.52 -10.26
C ILE A 54 12.87 -0.35 -9.60
N LYS A 55 12.73 0.74 -8.83
CA LYS A 55 11.50 1.09 -8.16
C LYS A 55 10.74 1.98 -9.12
N VAL A 56 9.60 1.48 -9.61
CA VAL A 56 8.77 2.18 -10.60
C VAL A 56 7.50 2.70 -9.93
N MET A 57 7.30 4.03 -9.95
CA MET A 57 6.16 4.71 -9.34
C MET A 57 5.58 5.77 -10.27
N ASP A 58 4.22 5.78 -10.41
CA ASP A 58 3.50 6.75 -11.22
C ASP A 58 3.61 8.11 -10.54
N VAL A 59 4.03 9.11 -11.29
CA VAL A 59 4.27 10.46 -10.78
C VAL A 59 3.63 11.51 -11.71
N THR A 60 3.16 12.64 -11.14
CA THR A 60 2.60 13.75 -11.91
C THR A 60 3.70 14.79 -12.10
N GLU A 61 3.55 15.69 -13.09
CA GLU A 61 4.54 16.73 -13.44
C GLU A 61 4.83 17.74 -12.31
N ASP A 62 3.92 17.87 -11.33
CA ASP A 62 4.06 18.79 -10.20
C ASP A 62 4.89 18.18 -9.05
N GLU A 63 5.03 16.84 -9.03
CA GLU A 63 5.81 16.08 -8.04
C GLU A 63 7.33 16.20 -8.30
N GLU A 64 7.71 16.65 -9.53
CA GLU A 64 9.08 16.79 -10.06
C GLU A 64 10.09 17.50 -9.15
N GLU A 65 9.71 18.63 -8.54
CA GLU A 65 10.58 19.42 -7.67
C GLU A 65 10.96 18.62 -6.41
N GLU A 66 9.96 17.97 -5.76
CA GLU A 66 10.08 17.15 -4.56
C GLU A 66 10.97 15.91 -4.83
N ILE A 67 10.76 15.24 -5.99
CA ILE A 67 11.52 14.05 -6.41
C ILE A 67 13.01 14.34 -6.56
N LYS A 68 13.35 15.53 -7.08
CA LYS A 68 14.73 15.97 -7.25
C LYS A 68 15.45 16.11 -5.91
N LEU A 69 14.72 16.54 -4.87
CA LEU A 69 15.24 16.66 -3.50
C LEU A 69 15.46 15.26 -2.90
N GLU A 70 14.55 14.31 -3.21
CA GLU A 70 14.61 12.92 -2.77
C GLU A 70 15.81 12.23 -3.39
N ILE A 71 16.12 12.54 -4.67
CA ILE A 71 17.25 12.00 -5.44
C ILE A 71 18.56 12.28 -4.75
N ASN A 72 18.84 13.57 -4.43
CA ASN A 72 20.06 14.04 -3.76
C ASN A 72 20.28 13.34 -2.41
N MET A 73 19.18 13.06 -1.68
CA MET A 73 19.20 12.37 -0.39
C MET A 73 19.65 10.91 -0.62
N LEU A 74 19.07 10.24 -1.66
CA LEU A 74 19.42 8.85 -2.03
C LEU A 74 20.88 8.72 -2.46
N LYS A 75 21.37 9.69 -3.25
CA LYS A 75 22.73 9.74 -3.77
C LYS A 75 23.74 9.88 -2.64
N LYS A 76 23.52 10.88 -1.74
CA LYS A 76 24.37 11.21 -0.61
C LYS A 76 24.59 10.12 0.43
N TYR A 77 23.52 9.38 0.81
CA TYR A 77 23.64 8.44 1.93
C TYR A 77 23.61 6.96 1.58
N SER A 78 23.75 6.61 0.29
CA SER A 78 23.76 5.21 -0.12
C SER A 78 25.16 4.61 -0.20
N HIS A 79 26.22 5.45 -0.02
CA HIS A 79 27.63 5.07 -0.08
C HIS A 79 28.14 4.39 1.18
N HIS A 80 27.64 3.17 1.43
CA HIS A 80 28.00 2.33 2.55
C HIS A 80 27.66 0.92 2.12
N ARG A 81 28.53 -0.03 2.45
CA ARG A 81 28.41 -1.46 2.11
C ARG A 81 27.15 -2.16 2.68
N ASN A 82 26.45 -1.52 3.63
CA ASN A 82 25.22 -2.09 4.22
C ASN A 82 23.96 -1.37 3.72
N ILE A 83 24.13 -0.50 2.73
CA ILE A 83 23.02 0.22 2.09
C ILE A 83 23.12 -0.02 0.59
N ALA A 84 22.04 -0.50 -0.04
CA ALA A 84 22.01 -0.73 -1.48
C ALA A 84 22.43 0.56 -2.21
N THR A 85 23.38 0.43 -3.18
CA THR A 85 23.98 1.57 -3.91
C THR A 85 23.03 2.23 -4.87
N TYR A 86 22.98 3.58 -4.86
CA TYR A 86 22.16 4.36 -5.79
C TYR A 86 22.88 4.42 -7.14
N TYR A 87 22.15 4.13 -8.24
CA TYR A 87 22.72 4.17 -9.58
C TYR A 87 22.29 5.47 -10.29
N GLY A 88 20.98 5.65 -10.48
CA GLY A 88 20.40 6.82 -11.11
C GLY A 88 18.88 6.86 -11.14
N ALA A 89 18.32 7.99 -11.61
CA ALA A 89 16.88 8.24 -11.73
C ALA A 89 16.50 8.57 -13.18
N PHE A 90 15.30 8.13 -13.58
CA PHE A 90 14.78 8.30 -14.94
C PHE A 90 13.27 8.55 -14.93
N ILE A 91 12.76 9.26 -15.95
CA ILE A 91 11.33 9.49 -16.11
C ILE A 91 10.89 8.96 -17.48
N LYS A 92 10.13 7.85 -17.46
CA LYS A 92 9.59 7.24 -18.67
C LYS A 92 8.28 7.97 -18.98
N LYS A 93 8.31 8.85 -20.00
CA LYS A 93 7.14 9.64 -20.41
C LYS A 93 5.99 8.77 -20.96
N SER A 94 4.76 9.16 -20.64
CA SER A 94 3.53 8.49 -21.08
C SER A 94 2.71 9.39 -22.01
N ASP A 99 -0.39 9.21 -16.35
CA ASP A 99 0.74 9.80 -15.65
C ASP A 99 2.09 9.16 -16.04
N ASP A 100 3.18 9.95 -15.90
CA ASP A 100 4.57 9.53 -16.18
C ASP A 100 5.05 8.49 -15.14
N GLN A 101 6.20 7.83 -15.42
CA GLN A 101 6.79 6.86 -14.51
C GLN A 101 8.17 7.32 -14.04
N LEU A 102 8.38 7.33 -12.71
CA LEU A 102 9.68 7.64 -12.12
C LEU A 102 10.34 6.30 -11.85
N TRP A 103 11.60 6.15 -12.31
CA TRP A 103 12.40 4.95 -12.17
C TRP A 103 13.58 5.28 -11.28
N LEU A 104 13.69 4.58 -10.13
CA LEU A 104 14.79 4.76 -9.20
C LEU A 104 15.64 3.52 -9.27
N VAL A 105 16.84 3.67 -9.82
CA VAL A 105 17.74 2.57 -10.09
C VAL A 105 18.78 2.43 -9.01
N MET A 106 18.84 1.23 -8.48
CA MET A 106 19.77 0.89 -7.42
C MET A 106 20.41 -0.45 -7.71
N GLU A 107 21.35 -0.82 -6.84
CA GLU A 107 22.05 -2.09 -6.83
C GLU A 107 21.05 -3.25 -6.69
N PHE A 108 21.27 -4.35 -7.42
CA PHE A 108 20.42 -5.53 -7.33
C PHE A 108 20.98 -6.45 -6.29
N CYS A 109 20.10 -6.92 -5.40
CA CYS A 109 20.49 -7.86 -4.35
C CYS A 109 19.73 -9.13 -4.66
N GLY A 110 20.36 -9.93 -5.51
CA GLY A 110 19.85 -11.19 -6.05
C GLY A 110 19.27 -12.25 -5.12
N ALA A 111 19.80 -12.38 -3.90
CA ALA A 111 19.30 -13.40 -2.96
C ALA A 111 18.01 -13.00 -2.21
N GLY A 112 17.45 -11.83 -2.52
CA GLY A 112 16.20 -11.34 -1.95
C GLY A 112 16.23 -10.92 -0.49
N SER A 113 15.02 -10.77 0.09
CA SER A 113 14.84 -10.29 1.46
C SER A 113 15.10 -11.32 2.55
N ILE A 114 15.32 -10.83 3.77
CA ILE A 114 15.50 -11.72 4.91
C ILE A 114 14.12 -12.35 5.27
N THR A 115 12.98 -11.71 4.88
CA THR A 115 11.62 -12.27 5.05
C THR A 115 11.51 -13.58 4.25
N ASP A 116 12.00 -13.57 2.99
CA ASP A 116 12.05 -14.72 2.08
C ASP A 116 12.96 -15.79 2.67
N LEU A 117 14.15 -15.40 3.17
CA LEU A 117 15.12 -16.29 3.80
C LEU A 117 14.49 -17.17 4.90
N VAL A 118 13.76 -16.54 5.88
CA VAL A 118 13.08 -17.26 6.98
C VAL A 118 11.95 -18.14 6.45
N LYS A 119 11.18 -17.62 5.49
CA LYS A 119 10.03 -18.31 4.90
C LYS A 119 10.45 -19.60 4.16
N ASN A 120 11.65 -19.56 3.54
CA ASN A 120 12.25 -20.67 2.79
C ASN A 120 13.22 -21.55 3.62
N THR A 121 13.17 -21.45 4.97
CA THR A 121 13.99 -22.26 5.86
C THR A 121 13.10 -23.23 6.62
N LYS A 122 13.59 -24.48 6.86
CA LYS A 122 12.85 -25.51 7.57
C LYS A 122 12.54 -25.02 8.99
N GLY A 123 11.26 -25.08 9.33
CA GLY A 123 10.78 -24.64 10.63
C GLY A 123 10.58 -23.14 10.77
N ASN A 124 10.83 -22.38 9.68
CA ASN A 124 10.73 -20.92 9.57
C ASN A 124 11.49 -20.21 10.71
N THR A 125 12.71 -20.65 10.94
CA THR A 125 13.57 -20.13 12.00
C THR A 125 15.02 -20.11 11.53
N LEU A 126 15.76 -19.08 11.92
CA LEU A 126 17.16 -18.96 11.57
C LEU A 126 18.02 -19.28 12.79
N LYS A 127 19.24 -19.81 12.56
CA LYS A 127 20.22 -20.12 13.62
C LYS A 127 20.59 -18.80 14.29
N GLU A 128 20.74 -18.82 15.62
CA GLU A 128 21.08 -17.64 16.42
C GLU A 128 22.32 -16.88 15.92
N ASP A 129 23.38 -17.59 15.47
CA ASP A 129 24.60 -16.94 14.95
C ASP A 129 24.33 -16.21 13.61
N TRP A 130 23.32 -16.67 12.85
CA TRP A 130 22.89 -16.03 11.61
C TRP A 130 22.19 -14.70 11.94
N ILE A 131 21.28 -14.74 12.96
CA ILE A 131 20.53 -13.57 13.43
C ILE A 131 21.54 -12.50 13.91
N ALA A 132 22.57 -12.92 14.67
CA ALA A 132 23.62 -12.05 15.20
C ALA A 132 24.39 -11.33 14.10
N TYR A 133 24.75 -12.08 13.02
CA TYR A 133 25.45 -11.53 11.87
C TYR A 133 24.55 -10.56 11.09
N ILE A 134 23.32 -10.98 10.73
CA ILE A 134 22.38 -10.13 9.96
C ILE A 134 22.02 -8.85 10.73
N SER A 135 21.70 -8.97 12.05
CA SER A 135 21.33 -7.82 12.90
C SER A 135 22.45 -6.79 13.00
N ARG A 136 23.72 -7.25 13.14
CA ARG A 136 24.89 -6.36 13.18
C ARG A 136 25.01 -5.56 11.89
N GLU A 137 24.85 -6.24 10.74
CA GLU A 137 24.89 -5.60 9.41
C GLU A 137 23.79 -4.55 9.27
N ILE A 138 22.56 -4.85 9.79
CA ILE A 138 21.45 -3.90 9.81
C ILE A 138 21.88 -2.67 10.63
N LEU A 139 22.37 -2.92 11.86
CA LEU A 139 22.86 -1.89 12.78
C LEU A 139 23.99 -1.02 12.19
N ARG A 140 24.89 -1.63 11.39
CA ARG A 140 25.98 -0.88 10.76
C ARG A 140 25.44 0.07 9.68
N GLY A 141 24.47 -0.41 8.89
CA GLY A 141 23.78 0.40 7.89
C GLY A 141 23.01 1.53 8.56
N LEU A 142 22.35 1.24 9.68
CA LEU A 142 21.62 2.23 10.48
C LEU A 142 22.54 3.27 11.09
N ALA A 143 23.70 2.84 11.64
CA ALA A 143 24.72 3.71 12.22
C ALA A 143 25.18 4.75 11.19
N HIS A 144 25.40 4.32 9.93
CA HIS A 144 25.77 5.21 8.84
C HIS A 144 24.68 6.24 8.57
N LEU A 145 23.40 5.82 8.56
CA LEU A 145 22.27 6.72 8.33
C LEU A 145 22.09 7.70 9.49
N HIS A 146 22.15 7.19 10.72
CA HIS A 146 21.96 7.99 11.94
C HIS A 146 23.04 9.05 12.12
N ILE A 147 24.33 8.73 11.83
CA ILE A 147 25.43 9.71 11.92
C ILE A 147 25.20 10.89 10.93
N HIS A 148 24.43 10.66 9.84
CA HIS A 148 24.11 11.67 8.82
C HIS A 148 22.73 12.31 9.00
N HIS A 149 22.14 12.18 10.22
CA HIS A 149 20.85 12.71 10.63
C HIS A 149 19.67 12.15 9.79
N VAL A 150 19.79 10.88 9.39
CA VAL A 150 18.78 10.20 8.60
C VAL A 150 18.19 9.01 9.37
N ILE A 151 16.88 9.00 9.53
CA ILE A 151 16.12 7.91 10.14
C ILE A 151 15.64 7.06 8.96
N HIS A 152 15.80 5.71 9.03
CA HIS A 152 15.35 4.82 7.95
C HIS A 152 13.83 4.90 7.81
N ARG A 153 13.13 4.82 8.95
CA ARG A 153 11.69 4.88 9.16
C ARG A 153 10.92 3.59 8.74
N ASP A 154 11.53 2.62 8.00
CA ASP A 154 10.81 1.40 7.61
C ASP A 154 11.69 0.13 7.65
N ILE A 155 12.37 -0.13 8.79
CA ILE A 155 13.17 -1.34 8.97
C ILE A 155 12.22 -2.52 9.18
N LYS A 156 12.42 -3.59 8.41
CA LYS A 156 11.67 -4.85 8.43
C LYS A 156 12.40 -5.83 7.56
N GLY A 157 12.09 -7.12 7.69
CA GLY A 157 12.72 -8.18 6.91
C GLY A 157 12.64 -7.99 5.41
N GLN A 158 11.54 -7.37 4.94
CA GLN A 158 11.33 -7.06 3.53
C GLN A 158 12.30 -5.98 3.03
N ASN A 159 12.75 -5.10 3.91
CA ASN A 159 13.67 -4.04 3.51
C ASN A 159 15.14 -4.38 3.85
N VAL A 160 15.41 -5.62 4.26
CA VAL A 160 16.77 -6.06 4.54
C VAL A 160 17.07 -7.13 3.50
N LEU A 161 18.02 -6.85 2.59
CA LEU A 161 18.33 -7.75 1.46
C LEU A 161 19.68 -8.42 1.48
N LEU A 162 19.75 -9.57 0.79
CA LEU A 162 20.96 -10.38 0.60
C LEU A 162 21.38 -10.39 -0.87
N THR A 163 22.69 -10.32 -1.13
CA THR A 163 23.27 -10.42 -2.47
C THR A 163 23.67 -11.88 -2.67
N GLU A 164 24.19 -12.23 -3.87
CA GLU A 164 24.65 -13.58 -4.20
C GLU A 164 25.78 -14.06 -3.30
N ASN A 165 26.65 -13.12 -2.82
CA ASN A 165 27.77 -13.44 -1.93
C ASN A 165 27.50 -13.12 -0.44
N ALA A 166 26.24 -13.32 0.01
CA ALA A 166 25.71 -13.14 1.38
C ALA A 166 26.01 -11.77 2.05
N GLU A 167 26.07 -10.69 1.25
CA GLU A 167 26.24 -9.33 1.79
C GLU A 167 24.86 -8.82 2.18
N VAL A 168 24.77 -8.15 3.34
CA VAL A 168 23.50 -7.60 3.84
C VAL A 168 23.36 -6.11 3.51
N LYS A 169 22.24 -5.74 2.87
CA LYS A 169 21.99 -4.36 2.45
C LYS A 169 20.59 -3.86 2.74
N LEU A 170 20.50 -2.63 3.26
CA LEU A 170 19.23 -1.98 3.56
C LEU A 170 18.68 -1.27 2.34
N VAL A 171 17.37 -1.29 2.21
CA VAL A 171 16.69 -0.64 1.10
C VAL A 171 15.52 0.23 1.61
N ASP A 172 15.10 1.21 0.81
CA ASP A 172 13.92 2.05 1.07
C ASP A 172 13.99 2.92 2.35
N PHE A 173 15.14 3.57 2.58
CA PHE A 173 15.27 4.51 3.69
C PHE A 173 14.50 5.77 3.29
N GLY A 174 13.86 6.39 4.28
CA GLY A 174 13.00 7.56 4.09
C GLY A 174 13.73 8.76 3.53
N VAL A 175 13.17 9.36 2.47
CA VAL A 175 13.74 10.54 1.80
C VAL A 175 12.70 11.68 1.60
N SER A 176 11.48 11.49 2.14
CA SER A 176 10.34 12.40 1.99
C SER A 176 10.31 13.55 3.00
N ALA A 177 9.15 14.28 3.05
CA ALA A 177 8.75 15.39 3.91
C ALA A 177 9.57 16.70 3.75
N GLN A 178 9.36 17.64 4.71
CA GLN A 178 10.00 18.96 4.91
C GLN A 178 9.43 20.11 4.04
N LEU A 179 8.68 19.81 2.96
CA LEU A 179 8.19 20.85 2.04
C LEU A 179 6.81 21.48 2.40
N ASP A 180 6.10 20.97 3.45
CA ASP A 180 4.77 21.46 3.93
C ASP A 180 3.62 21.37 2.87
N ARG A 181 3.96 20.94 1.63
CA ARG A 181 3.09 20.77 0.47
C ARG A 181 2.01 19.70 0.67
N THR A 182 1.14 19.53 -0.36
CA THR A 182 0.17 18.45 -0.45
C THR A 182 1.03 17.25 -0.84
N VAL A 183 1.10 16.24 0.05
CA VAL A 183 1.93 15.05 -0.12
C VAL A 183 1.55 14.33 -1.44
N GLY A 184 2.58 14.02 -2.23
CA GLY A 184 2.44 13.34 -3.51
C GLY A 184 1.92 11.93 -3.32
N ARG A 185 1.10 11.43 -4.28
CA ARG A 185 0.44 10.11 -4.32
C ARG A 185 1.34 8.94 -3.83
N ARG A 186 2.63 8.94 -4.20
CA ARG A 186 3.59 7.90 -3.80
C ARG A 186 3.90 7.89 -2.30
N ASN A 187 3.58 8.98 -1.56
CA ASN A 187 3.81 9.13 -0.13
C ASN A 187 2.50 9.15 0.70
N THR A 188 1.32 8.85 0.06
CA THR A 188 -0.01 8.84 0.71
C THR A 188 -0.40 7.47 1.34
N PHE A 189 0.47 6.46 1.20
CA PHE A 189 0.19 5.11 1.71
C PHE A 189 0.93 4.76 2.95
N ILE A 190 0.24 4.05 3.86
CA ILE A 190 0.79 3.58 5.11
C ILE A 190 1.02 2.10 4.87
N GLY A 191 2.25 1.68 5.11
CA GLY A 191 2.60 0.27 4.95
C GLY A 191 2.14 -0.62 6.09
N THR A 192 2.94 -1.64 6.35
CA THR A 192 2.68 -2.61 7.39
C THR A 192 3.02 -2.01 8.77
N PRO A 193 2.17 -2.23 9.80
CA PRO A 193 2.46 -1.63 11.11
C PRO A 193 3.33 -2.43 12.09
N TYR A 194 3.49 -3.73 11.85
CA TYR A 194 4.11 -4.71 12.76
C TYR A 194 5.54 -4.40 13.22
N TRP A 195 6.32 -3.62 12.45
CA TRP A 195 7.67 -3.27 12.82
C TRP A 195 7.76 -1.84 13.35
N MET A 196 6.62 -1.16 13.47
CA MET A 196 6.57 0.21 13.97
C MET A 196 6.78 0.33 15.48
N ALA A 197 7.60 1.30 15.89
CA ALA A 197 7.89 1.58 17.29
C ALA A 197 6.70 2.29 17.93
N PRO A 198 6.45 2.11 19.25
CA PRO A 198 5.29 2.79 19.88
C PRO A 198 5.20 4.31 19.67
N GLU A 199 6.33 5.02 19.79
CA GLU A 199 6.41 6.48 19.70
C GLU A 199 6.01 7.05 18.33
N VAL A 200 6.01 6.20 17.29
CA VAL A 200 5.70 6.62 15.93
C VAL A 200 4.19 6.59 15.67
N ILE A 201 3.42 5.91 16.56
CA ILE A 201 1.98 5.75 16.45
C ILE A 201 1.31 6.81 17.34
N ALA A 202 0.61 7.74 16.69
CA ALA A 202 -0.06 8.82 17.38
C ALA A 202 -1.29 8.36 18.14
N CYS A 203 -1.34 8.73 19.42
CA CYS A 203 -2.48 8.44 20.31
C CYS A 203 -2.72 9.64 21.24
N ASP A 204 -3.74 9.57 22.12
CA ASP A 204 -4.11 10.68 23.03
C ASP A 204 -2.93 11.25 23.84
N GLU A 205 -2.03 10.38 24.36
CA GLU A 205 -0.85 10.80 25.14
C GLU A 205 0.38 11.13 24.27
N ASN A 206 0.31 10.84 22.95
CA ASN A 206 1.38 11.10 21.99
C ASN A 206 0.77 11.74 20.71
N PRO A 207 0.17 12.97 20.81
CA PRO A 207 -0.48 13.57 19.63
C PRO A 207 0.39 13.79 18.40
N ASP A 208 1.67 14.15 18.64
CA ASP A 208 2.65 14.37 17.58
C ASP A 208 3.67 13.28 17.72
N ALA A 209 3.36 12.17 17.09
CA ALA A 209 4.18 10.98 17.11
C ALA A 209 5.19 11.13 16.01
N THR A 210 6.45 11.32 16.39
CA THR A 210 7.47 11.47 15.36
C THR A 210 8.51 10.36 15.48
N TYR A 211 9.19 10.07 14.37
CA TYR A 211 10.29 9.14 14.35
C TYR A 211 11.50 9.81 15.03
N ASP A 212 12.22 9.01 15.82
CA ASP A 212 13.50 9.34 16.47
C ASP A 212 14.43 8.28 15.87
N TYR A 213 15.77 8.49 15.85
CA TYR A 213 16.71 7.49 15.33
C TYR A 213 16.53 6.11 16.03
N ARG A 214 16.10 6.14 17.30
CA ARG A 214 15.85 4.98 18.14
C ARG A 214 14.63 4.17 17.70
N SER A 215 13.71 4.77 16.90
CA SER A 215 12.56 4.07 16.31
C SER A 215 13.04 2.93 15.40
N ASP A 216 14.20 3.11 14.75
CA ASP A 216 14.80 2.09 13.87
C ASP A 216 15.34 0.92 14.65
N LEU A 217 15.73 1.16 15.91
CA LEU A 217 16.29 0.14 16.78
C LEU A 217 15.21 -0.81 17.26
N TRP A 218 14.00 -0.29 17.55
CA TRP A 218 12.83 -1.10 17.88
C TRP A 218 12.55 -2.00 16.69
N SER A 219 12.50 -1.43 15.46
CA SER A 219 12.26 -2.14 14.21
C SER A 219 13.28 -3.23 13.95
N CYS A 220 14.55 -2.98 14.31
N CYS A 220 14.55 -3.00 14.35
CA CYS A 220 15.64 -3.94 14.25
CA CYS A 220 15.66 -3.96 14.30
C CYS A 220 15.37 -5.14 15.20
C CYS A 220 15.30 -5.15 15.18
N GLY A 221 14.84 -4.86 16.40
CA GLY A 221 14.45 -5.86 17.38
C GLY A 221 13.31 -6.74 16.92
N ILE A 222 12.30 -6.12 16.29
CA ILE A 222 11.15 -6.84 15.69
C ILE A 222 11.63 -7.73 14.54
N THR A 223 12.60 -7.24 13.76
CA THR A 223 13.22 -7.97 12.63
C THR A 223 14.00 -9.21 13.15
N ALA A 224 14.61 -9.12 14.35
CA ALA A 224 15.33 -10.26 14.94
C ALA A 224 14.34 -11.33 15.45
N ILE A 225 13.14 -10.92 15.92
CA ILE A 225 12.08 -11.86 16.31
C ILE A 225 11.56 -12.55 15.05
N GLU A 226 11.42 -11.79 13.95
CA GLU A 226 10.99 -12.27 12.64
C GLU A 226 11.98 -13.33 12.12
N MET A 227 13.30 -13.12 12.31
CA MET A 227 14.33 -14.07 11.90
C MET A 227 14.28 -15.33 12.76
N ALA A 228 13.90 -15.17 14.05
CA ALA A 228 13.82 -16.25 15.02
C ALA A 228 12.54 -17.09 14.94
N GLU A 229 11.39 -16.47 14.57
CA GLU A 229 10.08 -17.13 14.57
C GLU A 229 9.37 -17.18 13.23
N GLY A 230 9.91 -16.47 12.23
CA GLY A 230 9.36 -16.45 10.88
C GLY A 230 8.32 -15.39 10.64
N ALA A 231 7.87 -14.74 11.73
CA ALA A 231 6.84 -13.70 11.67
C ALA A 231 7.06 -12.71 12.79
N PRO A 232 6.63 -11.42 12.62
CA PRO A 232 6.78 -10.48 13.72
C PRO A 232 5.71 -10.74 14.78
N PRO A 233 5.85 -10.20 16.00
CA PRO A 233 4.74 -10.34 16.97
C PRO A 233 3.46 -9.69 16.43
N LEU A 234 2.28 -10.14 16.89
CA LEU A 234 0.97 -9.60 16.49
C LEU A 234 0.60 -9.88 15.03
N CYS A 235 1.32 -10.81 14.37
CA CYS A 235 1.10 -11.23 12.98
C CYS A 235 -0.30 -11.81 12.74
N ASP A 236 -0.91 -12.40 13.80
CA ASP A 236 -2.27 -12.96 13.78
C ASP A 236 -3.37 -11.90 13.87
N MET A 237 -2.98 -10.64 13.91
CA MET A 237 -4.00 -9.61 14.01
C MET A 237 -4.14 -8.79 12.81
N HIS A 238 -5.30 -8.14 12.69
CA HIS A 238 -5.61 -7.24 11.60
C HIS A 238 -4.60 -6.04 11.72
N PRO A 239 -3.97 -5.55 10.63
CA PRO A 239 -2.99 -4.45 10.78
C PRO A 239 -3.47 -3.22 11.58
N MET A 240 -4.76 -2.85 11.47
CA MET A 240 -5.33 -1.72 12.20
C MET A 240 -5.40 -2.01 13.69
N ARG A 241 -5.71 -3.28 14.05
CA ARG A 241 -5.74 -3.77 15.44
C ARG A 241 -4.31 -3.76 16.02
N ALA A 242 -3.31 -4.18 15.23
CA ALA A 242 -1.91 -4.19 15.62
C ALA A 242 -1.43 -2.74 15.91
N LEU A 243 -1.82 -1.78 15.07
CA LEU A 243 -1.48 -0.36 15.22
C LEU A 243 -1.97 0.21 16.58
N PHE A 244 -3.14 -0.24 17.03
CA PHE A 244 -3.73 0.15 18.29
C PHE A 244 -3.00 -0.51 19.48
N LEU A 245 -2.55 -1.76 19.32
CA LEU A 245 -1.93 -2.52 20.41
C LEU A 245 -0.47 -2.22 20.67
N ILE A 246 0.32 -1.88 19.64
CA ILE A 246 1.76 -1.62 19.81
C ILE A 246 2.03 -0.58 20.94
N PRO A 247 1.37 0.61 20.97
CA PRO A 247 1.64 1.58 22.07
C PRO A 247 1.18 1.17 23.46
N ARG A 248 0.24 0.22 23.54
CA ARG A 248 -0.37 -0.25 24.80
C ARG A 248 0.28 -1.49 25.35
N ASN A 249 0.71 -2.40 24.47
CA ASN A 249 1.30 -3.67 24.84
C ASN A 249 2.70 -3.55 25.42
N PRO A 250 3.07 -4.44 26.38
CA PRO A 250 4.43 -4.40 26.93
C PRO A 250 5.43 -4.81 25.84
N PRO A 251 6.76 -4.61 26.04
CA PRO A 251 7.71 -5.07 25.01
C PRO A 251 7.47 -6.52 24.55
N PRO A 252 7.50 -6.81 23.24
CA PRO A 252 7.33 -8.18 22.79
C PRO A 252 8.49 -9.09 23.22
N ARG A 253 8.23 -10.40 23.31
CA ARG A 253 9.22 -11.37 23.74
C ARG A 253 9.29 -12.55 22.80
N LEU A 254 10.46 -13.23 22.75
CA LEU A 254 10.63 -14.47 21.98
C LEU A 254 9.80 -15.55 22.71
N LYS A 255 9.04 -16.37 21.98
CA LYS A 255 8.17 -17.41 22.54
C LYS A 255 8.96 -18.57 23.15
N SER A 256 10.02 -19.03 22.45
CA SER A 256 10.86 -20.14 22.90
C SER A 256 11.87 -19.74 23.96
N LYS A 257 12.30 -20.73 24.77
CA LYS A 257 13.30 -20.57 25.84
C LYS A 257 14.66 -21.09 25.40
N LYS A 258 14.74 -21.70 24.20
CA LYS A 258 15.97 -22.28 23.62
C LYS A 258 17.09 -21.27 23.38
N TRP A 259 16.71 -20.00 23.14
CA TRP A 259 17.63 -18.91 22.84
C TRP A 259 18.59 -18.60 23.98
N SER A 260 19.79 -18.09 23.63
CA SER A 260 20.80 -17.73 24.62
C SER A 260 20.36 -16.48 25.40
N LYS A 261 20.98 -16.27 26.56
CA LYS A 261 20.78 -15.12 27.44
C LYS A 261 21.14 -13.82 26.72
N LYS A 262 22.17 -13.85 25.87
CA LYS A 262 22.66 -12.72 25.06
C LYS A 262 21.61 -12.28 24.04
N PHE A 263 20.93 -13.25 23.41
CA PHE A 263 19.87 -12.97 22.43
C PHE A 263 18.65 -12.34 23.09
N PHE A 264 18.20 -12.87 24.25
CA PHE A 264 17.09 -12.31 25.02
C PHE A 264 17.41 -10.86 25.44
N SER A 265 18.67 -10.61 25.87
CA SER A 265 19.17 -9.31 26.29
C SER A 265 19.23 -8.32 25.12
N PHE A 266 19.64 -8.79 23.91
CA PHE A 266 19.65 -7.98 22.70
C PHE A 266 18.24 -7.50 22.32
N ILE A 267 17.25 -8.41 22.33
CA ILE A 267 15.83 -8.15 22.03
C ILE A 267 15.30 -7.12 23.02
N GLU A 268 15.62 -7.31 24.34
CA GLU A 268 15.25 -6.41 25.41
C GLU A 268 15.74 -4.99 25.15
N GLY A 269 16.98 -4.85 24.67
CA GLY A 269 17.56 -3.55 24.37
C GLY A 269 16.90 -2.88 23.18
N CYS A 270 16.73 -3.63 22.10
CA CYS A 270 16.04 -3.12 20.90
C CYS A 270 14.65 -2.65 21.24
N LEU A 271 13.96 -3.43 22.08
CA LEU A 271 12.55 -3.26 22.41
C LEU A 271 12.25 -2.62 23.76
N VAL A 272 13.08 -1.63 24.18
CA VAL A 272 12.79 -0.83 25.38
C VAL A 272 11.55 -0.03 24.97
N LYS A 273 10.42 -0.18 25.71
CA LYS A 273 9.12 0.47 25.41
C LYS A 273 9.23 1.98 25.19
N ASN A 274 9.75 2.70 26.20
CA ASN A 274 9.95 4.15 26.13
C ASN A 274 11.28 4.42 25.44
N TYR A 275 11.26 5.02 24.22
CA TYR A 275 12.44 5.31 23.38
C TYR A 275 13.51 6.15 24.11
N MET A 276 13.08 6.97 25.10
CA MET A 276 13.93 7.82 25.93
C MET A 276 15.01 7.02 26.68
N GLN A 277 14.71 5.75 27.06
CA GLN A 277 15.69 4.89 27.74
C GLN A 277 16.18 3.76 26.83
N ARG A 278 15.80 3.82 25.54
CA ARG A 278 16.25 2.81 24.58
C ARG A 278 17.69 3.16 24.19
N PRO A 279 18.58 2.15 24.11
CA PRO A 279 19.97 2.44 23.76
C PRO A 279 20.13 3.01 22.36
N SER A 280 21.28 3.67 22.09
CA SER A 280 21.58 4.21 20.76
C SER A 280 22.09 3.06 19.87
N THR A 281 22.28 3.33 18.57
CA THR A 281 22.80 2.36 17.61
C THR A 281 24.21 1.94 18.02
N GLU A 282 25.06 2.92 18.45
CA GLU A 282 26.44 2.67 18.88
C GLU A 282 26.51 1.78 20.10
N GLN A 283 25.60 1.98 21.08
CA GLN A 283 25.48 1.15 22.28
C GLN A 283 25.07 -0.27 21.92
N LEU A 284 24.11 -0.43 20.98
CA LEU A 284 23.63 -1.74 20.54
C LEU A 284 24.67 -2.51 19.72
N LEU A 285 25.54 -1.80 18.98
CA LEU A 285 26.62 -2.43 18.23
C LEU A 285 27.68 -3.02 19.19
N LYS A 286 27.73 -2.51 20.46
CA LYS A 286 28.64 -2.96 21.53
C LYS A 286 28.00 -4.02 22.44
N HIS A 287 26.75 -4.47 22.13
CA HIS A 287 26.03 -5.50 22.89
C HIS A 287 26.69 -6.86 22.63
N PRO A 288 26.93 -7.68 23.68
CA PRO A 288 27.63 -8.97 23.47
C PRO A 288 27.11 -9.86 22.35
N PHE A 289 25.78 -9.86 22.09
CA PHE A 289 25.16 -10.65 21.03
C PHE A 289 25.59 -10.19 19.63
N ILE A 290 25.90 -8.89 19.50
CA ILE A 290 26.31 -8.26 18.26
C ILE A 290 27.84 -8.23 18.15
N ARG A 291 28.49 -7.72 19.21
CA ARG A 291 29.92 -7.52 19.36
C ARG A 291 30.71 -8.84 19.39
N ASP A 292 30.23 -9.87 20.10
CA ASP A 292 30.95 -11.14 20.22
C ASP A 292 30.44 -12.21 19.25
N GLN A 293 31.03 -12.25 18.04
CA GLN A 293 30.66 -13.20 16.99
C GLN A 293 31.85 -14.10 16.56
N PRO A 294 32.17 -15.16 17.36
CA PRO A 294 33.34 -16.01 17.03
C PRO A 294 33.25 -16.77 15.71
N ASN A 295 32.09 -17.36 15.42
CA ASN A 295 31.84 -18.15 14.22
C ASN A 295 31.43 -17.31 13.00
N GLU A 296 31.79 -16.00 12.99
CA GLU A 296 31.50 -15.00 11.93
C GLU A 296 31.82 -15.50 10.53
N ARG A 297 33.02 -16.08 10.34
CA ARG A 297 33.55 -16.61 9.08
C ARG A 297 32.69 -17.75 8.52
N GLN A 298 32.33 -18.75 9.35
CA GLN A 298 31.51 -19.91 8.97
C GLN A 298 30.05 -19.54 8.68
N VAL A 299 29.50 -18.53 9.39
CA VAL A 299 28.12 -18.04 9.22
C VAL A 299 27.95 -17.53 7.79
N ARG A 300 28.89 -16.67 7.32
CA ARG A 300 28.89 -16.12 5.96
C ARG A 300 28.93 -17.24 4.90
N ILE A 301 29.68 -18.32 5.19
CA ILE A 301 29.81 -19.50 4.34
C ILE A 301 28.48 -20.28 4.35
N GLN A 302 27.89 -20.46 5.55
CA GLN A 302 26.60 -21.15 5.77
C GLN A 302 25.46 -20.44 5.05
N LEU A 303 25.52 -19.08 5.01
CA LEU A 303 24.52 -18.24 4.34
C LEU A 303 24.66 -18.35 2.84
N LYS A 304 25.91 -18.22 2.31
CA LYS A 304 26.22 -18.34 0.89
C LYS A 304 25.74 -19.71 0.35
N ASP A 305 26.01 -20.79 1.11
CA ASP A 305 25.60 -22.16 0.79
C ASP A 305 24.08 -22.33 0.81
N HIS A 306 23.38 -21.59 1.71
CA HIS A 306 21.92 -21.61 1.79
C HIS A 306 21.30 -20.84 0.61
N ILE A 307 21.98 -19.77 0.14
CA ILE A 307 21.54 -18.94 -1.00
C ILE A 307 21.52 -19.77 -2.28
N ASP A 308 22.60 -20.56 -2.50
CA ASP A 308 22.77 -21.43 -3.66
C ASP A 308 21.80 -22.61 -3.65
N ARG A 309 21.57 -23.20 -2.45
CA ARG A 309 20.67 -24.34 -2.21
C ARG A 309 19.21 -24.01 -2.54
N THR A 310 18.78 -22.77 -2.21
CA THR A 310 17.44 -22.24 -2.42
C THR A 310 17.23 -21.82 -3.89
N ARG A 311 18.30 -21.27 -4.54
CA ARG A 311 18.32 -20.83 -5.95
C ARG A 311 17.94 -21.96 -6.90
N LYS A 312 18.42 -23.19 -6.58
CA LYS A 312 18.19 -24.42 -7.34
C LYS A 312 17.67 -25.54 -6.44
N ILE B 14 -18.07 -18.35 -17.13
CA ILE B 14 -18.17 -17.39 -16.04
C ILE B 14 -18.67 -18.10 -14.77
N ASP B 15 -17.86 -18.09 -13.68
CA ASP B 15 -18.18 -18.69 -12.38
C ASP B 15 -17.56 -17.89 -11.24
N LEU B 16 -18.35 -17.68 -10.17
CA LEU B 16 -17.99 -16.90 -8.99
C LEU B 16 -17.82 -17.78 -7.73
N SER B 17 -18.14 -19.09 -7.82
CA SER B 17 -18.05 -20.08 -6.74
C SER B 17 -16.81 -21.00 -6.84
N SER B 18 -16.15 -21.06 -8.03
CA SER B 18 -14.98 -21.90 -8.29
C SER B 18 -13.66 -21.12 -8.41
N LEU B 19 -12.53 -21.83 -8.58
CA LEU B 19 -11.18 -21.27 -8.65
C LEU B 19 -10.28 -22.12 -9.59
N ARG B 20 -10.62 -22.14 -10.89
CA ARG B 20 -9.93 -22.93 -11.92
C ARG B 20 -8.80 -22.16 -12.61
N ASP B 21 -7.95 -22.86 -13.43
CA ASP B 21 -6.89 -22.24 -14.23
C ASP B 21 -7.59 -21.38 -15.31
N PRO B 22 -7.09 -20.16 -15.66
CA PRO B 22 -7.80 -19.35 -16.65
C PRO B 22 -7.61 -19.75 -18.13
N ALA B 23 -6.77 -20.77 -18.41
CA ALA B 23 -6.47 -21.24 -19.76
C ALA B 23 -7.72 -21.59 -20.56
N GLY B 24 -7.93 -20.86 -21.66
CA GLY B 24 -9.07 -21.01 -22.54
C GLY B 24 -10.32 -20.29 -22.08
N ILE B 25 -10.23 -19.57 -20.94
CA ILE B 25 -11.34 -18.81 -20.36
C ILE B 25 -11.00 -17.32 -20.48
N PHE B 26 -9.85 -16.90 -19.94
CA PHE B 26 -9.37 -15.53 -20.06
C PHE B 26 -7.92 -15.51 -20.48
N GLU B 27 -7.55 -14.45 -21.21
CA GLU B 27 -6.18 -14.25 -21.66
C GLU B 27 -5.77 -12.80 -21.46
N LEU B 28 -4.51 -12.57 -21.11
CA LEU B 28 -3.98 -11.22 -20.90
C LEU B 28 -3.53 -10.65 -22.23
N VAL B 29 -3.86 -9.39 -22.50
CA VAL B 29 -3.47 -8.75 -23.75
C VAL B 29 -2.25 -7.82 -23.51
N GLU B 30 -2.40 -6.81 -22.62
CA GLU B 30 -1.35 -5.83 -22.29
C GLU B 30 -1.58 -5.23 -20.90
N VAL B 31 -0.52 -4.64 -20.31
CA VAL B 31 -0.56 -3.99 -18.99
C VAL B 31 -1.30 -2.64 -19.11
N VAL B 32 -2.22 -2.36 -18.17
CA VAL B 32 -2.99 -1.10 -18.16
C VAL B 32 -2.50 -0.13 -17.05
N GLY B 33 -2.26 -0.62 -15.83
CA GLY B 33 -1.82 0.24 -14.73
C GLY B 33 -1.28 -0.46 -13.49
N ASN B 34 -1.06 0.34 -12.42
CA ASN B 34 -0.55 -0.08 -11.11
C ASN B 34 -0.76 1.00 -10.02
N GLY B 35 -0.91 0.55 -8.77
CA GLY B 35 -1.11 1.41 -7.61
C GLY B 35 -0.30 0.98 -6.41
N GLY B 38 0.16 -6.13 -7.50
CA GLY B 38 -1.14 -5.55 -7.85
C GLY B 38 -1.20 -4.97 -9.24
N GLN B 39 -0.78 -5.77 -10.24
CA GLN B 39 -0.73 -5.39 -11.65
C GLN B 39 -2.10 -5.42 -12.33
N VAL B 40 -2.43 -4.35 -13.05
CA VAL B 40 -3.67 -4.18 -13.81
C VAL B 40 -3.40 -4.56 -15.28
N TYR B 41 -4.23 -5.43 -15.85
CA TYR B 41 -4.08 -5.90 -17.23
C TYR B 41 -5.37 -5.77 -18.04
N LYS B 42 -5.25 -5.52 -19.36
CA LYS B 42 -6.36 -5.53 -20.30
C LYS B 42 -6.41 -7.01 -20.69
N GLY B 43 -7.55 -7.63 -20.48
CA GLY B 43 -7.75 -9.05 -20.76
C GLY B 43 -8.95 -9.29 -21.64
N ARG B 44 -9.16 -10.53 -22.09
CA ARG B 44 -10.34 -10.83 -22.89
C ARG B 44 -10.84 -12.24 -22.66
N HIS B 45 -12.18 -12.39 -22.62
CA HIS B 45 -12.87 -13.67 -22.45
C HIS B 45 -12.69 -14.36 -23.80
N VAL B 46 -11.95 -15.48 -23.81
CA VAL B 46 -11.58 -16.24 -25.01
C VAL B 46 -12.78 -16.55 -25.93
N LYS B 47 -13.83 -17.19 -25.38
CA LYS B 47 -15.00 -17.64 -26.12
C LYS B 47 -15.86 -16.53 -26.73
N THR B 48 -16.00 -15.37 -26.06
CA THR B 48 -16.83 -14.28 -26.59
C THR B 48 -16.08 -13.10 -27.17
N GLY B 49 -14.83 -12.92 -26.76
CA GLY B 49 -14.00 -11.79 -27.17
C GLY B 49 -14.24 -10.54 -26.34
N GLN B 50 -15.07 -10.66 -25.27
CA GLN B 50 -15.44 -9.58 -24.34
C GLN B 50 -14.24 -9.10 -23.53
N LEU B 51 -13.95 -7.78 -23.62
CA LEU B 51 -12.86 -7.09 -22.93
C LEU B 51 -13.05 -7.04 -21.41
N ALA B 52 -11.95 -7.26 -20.68
CA ALA B 52 -11.94 -7.30 -19.22
C ALA B 52 -10.71 -6.61 -18.63
N ALA B 53 -10.78 -6.29 -17.33
CA ALA B 53 -9.69 -5.76 -16.54
C ALA B 53 -9.32 -6.88 -15.58
N ILE B 54 -8.05 -7.34 -15.62
CA ILE B 54 -7.58 -8.44 -14.78
C ILE B 54 -6.46 -7.98 -13.85
N LYS B 55 -6.71 -8.11 -12.54
CA LYS B 55 -5.77 -7.82 -11.48
C LYS B 55 -4.99 -9.09 -11.30
N VAL B 56 -3.67 -9.04 -11.53
CA VAL B 56 -2.80 -10.20 -11.41
C VAL B 56 -1.86 -10.00 -10.25
N MET B 57 -1.91 -10.92 -9.30
CA MET B 57 -1.12 -10.88 -8.07
C MET B 57 -0.48 -12.23 -7.80
N ASP B 58 0.75 -12.22 -7.27
CA ASP B 58 1.43 -13.44 -6.87
C ASP B 58 0.91 -13.89 -5.51
N VAL B 59 0.54 -15.18 -5.42
CA VAL B 59 -0.02 -15.85 -4.23
C VAL B 59 0.73 -17.14 -3.90
N THR B 60 0.89 -17.41 -2.59
CA THR B 60 1.55 -18.61 -2.09
C THR B 60 0.54 -19.74 -1.98
N GLU B 61 1.02 -20.98 -1.77
CA GLU B 61 0.19 -22.18 -1.64
C GLU B 61 -0.77 -22.06 -0.45
N ASP B 62 -0.28 -21.51 0.69
CA ASP B 62 -1.07 -21.31 1.91
C ASP B 62 -2.13 -20.21 1.77
N GLU B 63 -1.90 -19.22 0.88
CA GLU B 63 -2.81 -18.11 0.62
C GLU B 63 -4.04 -18.59 -0.18
N GLU B 64 -3.89 -19.70 -0.92
CA GLU B 64 -4.94 -20.31 -1.73
C GLU B 64 -6.05 -20.92 -0.89
N GLU B 65 -5.72 -21.36 0.35
CA GLU B 65 -6.69 -21.90 1.29
C GLU B 65 -7.49 -20.77 1.93
N GLU B 66 -6.90 -19.57 2.01
CA GLU B 66 -7.56 -18.37 2.52
C GLU B 66 -8.54 -17.89 1.46
N ILE B 67 -8.14 -17.98 0.17
CA ILE B 67 -8.94 -17.61 -1.01
C ILE B 67 -10.15 -18.55 -1.09
N LYS B 68 -9.93 -19.86 -0.89
CA LYS B 68 -10.97 -20.89 -0.90
C LYS B 68 -12.07 -20.61 0.12
N LEU B 69 -11.68 -20.22 1.34
CA LEU B 69 -12.59 -19.85 2.42
C LEU B 69 -13.37 -18.57 2.07
N GLU B 70 -12.66 -17.57 1.52
CA GLU B 70 -13.24 -16.28 1.14
C GLU B 70 -14.24 -16.39 0.03
N ILE B 71 -14.08 -17.41 -0.86
CA ILE B 71 -15.03 -17.66 -1.93
C ILE B 71 -16.35 -18.14 -1.34
N ASN B 72 -16.31 -18.94 -0.26
CA ASN B 72 -17.52 -19.39 0.44
C ASN B 72 -18.22 -18.24 1.14
N MET B 73 -17.47 -17.15 1.42
CA MET B 73 -17.99 -15.96 2.10
C MET B 73 -18.61 -14.99 1.12
N LEU B 74 -18.33 -15.13 -0.20
CA LEU B 74 -18.88 -14.27 -1.25
C LEU B 74 -20.41 -14.26 -1.25
N LYS B 75 -20.97 -13.07 -1.46
CA LYS B 75 -22.39 -12.83 -1.54
C LYS B 75 -22.72 -12.53 -2.98
N LYS B 76 -23.82 -13.09 -3.48
CA LYS B 76 -24.21 -12.91 -4.88
C LYS B 76 -25.15 -11.72 -5.09
N TYR B 77 -24.89 -10.99 -6.18
CA TYR B 77 -25.65 -9.83 -6.61
C TYR B 77 -25.58 -9.75 -8.11
N SER B 78 -26.69 -9.33 -8.74
CA SER B 78 -26.80 -9.21 -10.19
C SER B 78 -25.88 -8.14 -10.74
N HIS B 79 -25.90 -7.98 -12.06
CA HIS B 79 -25.17 -6.93 -12.74
C HIS B 79 -25.96 -5.65 -12.42
N HIS B 80 -25.27 -4.53 -12.40
CA HIS B 80 -25.88 -3.24 -12.16
C HIS B 80 -25.07 -2.30 -12.99
N ARG B 81 -25.76 -1.37 -13.67
CA ARG B 81 -25.19 -0.36 -14.56
C ARG B 81 -24.20 0.62 -13.88
N ASN B 82 -24.16 0.65 -12.54
CA ASN B 82 -23.21 1.51 -11.81
C ASN B 82 -22.07 0.72 -11.16
N ILE B 83 -21.97 -0.57 -11.51
CA ILE B 83 -20.89 -1.43 -11.04
C ILE B 83 -20.26 -2.09 -12.24
N ALA B 84 -18.91 -1.99 -12.31
CA ALA B 84 -18.07 -2.71 -13.27
C ALA B 84 -18.16 -4.15 -12.77
N THR B 85 -18.82 -5.02 -13.56
CA THR B 85 -19.14 -6.40 -13.23
C THR B 85 -17.91 -7.25 -12.93
N TYR B 86 -17.97 -7.97 -11.81
CA TYR B 86 -16.95 -8.89 -11.37
C TYR B 86 -17.28 -10.27 -11.96
N TYR B 87 -16.46 -10.70 -12.93
CA TYR B 87 -16.64 -11.95 -13.66
C TYR B 87 -16.15 -13.19 -12.89
N GLY B 88 -15.18 -13.02 -11.99
CA GLY B 88 -14.70 -14.15 -11.21
C GLY B 88 -13.23 -14.15 -10.87
N ALA B 89 -12.76 -15.27 -10.32
CA ALA B 89 -11.40 -15.45 -9.86
C ALA B 89 -10.79 -16.72 -10.43
N PHE B 90 -9.47 -16.67 -10.69
CA PHE B 90 -8.71 -17.78 -11.28
C PHE B 90 -7.31 -17.86 -10.66
N ILE B 91 -6.74 -19.07 -10.62
CA ILE B 91 -5.38 -19.28 -10.14
C ILE B 91 -4.56 -19.93 -11.25
N LYS B 92 -3.63 -19.16 -11.86
CA LYS B 92 -2.74 -19.63 -12.91
C LYS B 92 -1.56 -20.29 -12.19
N LYS B 93 -1.56 -21.65 -12.18
CA LYS B 93 -0.54 -22.47 -11.54
C LYS B 93 0.82 -22.37 -12.22
N SER B 94 1.85 -22.21 -11.40
CA SER B 94 3.26 -22.14 -11.78
C SER B 94 3.89 -23.47 -11.33
N PRO B 95 4.96 -23.98 -12.01
CA PRO B 95 5.57 -25.25 -11.58
C PRO B 95 5.75 -25.38 -10.05
N PRO B 96 5.32 -26.53 -9.43
CA PRO B 96 5.41 -26.66 -7.96
C PRO B 96 6.70 -26.13 -7.33
N GLY B 97 6.51 -25.29 -6.32
CA GLY B 97 7.58 -24.59 -5.61
C GLY B 97 7.44 -23.11 -5.86
N HIS B 98 7.26 -22.73 -7.14
CA HIS B 98 7.06 -21.36 -7.62
C HIS B 98 5.67 -20.86 -7.22
N ASP B 99 5.61 -19.61 -6.77
CA ASP B 99 4.35 -18.97 -6.37
C ASP B 99 3.43 -18.75 -7.57
N ASP B 100 2.17 -19.18 -7.42
CA ASP B 100 1.12 -19.08 -8.44
C ASP B 100 0.60 -17.65 -8.58
N GLN B 101 -0.31 -17.43 -9.54
CA GLN B 101 -0.91 -16.13 -9.83
C GLN B 101 -2.41 -16.13 -9.59
N LEU B 102 -2.92 -15.16 -8.82
CA LEU B 102 -4.35 -14.96 -8.61
C LEU B 102 -4.79 -13.92 -9.62
N TRP B 103 -5.85 -14.24 -10.35
CA TRP B 103 -6.43 -13.37 -11.38
C TRP B 103 -7.83 -12.98 -10.94
N LEU B 104 -8.06 -11.66 -10.81
CA LEU B 104 -9.39 -11.16 -10.45
C LEU B 104 -9.93 -10.43 -11.66
N VAL B 105 -11.02 -10.96 -12.25
CA VAL B 105 -11.55 -10.44 -13.52
C VAL B 105 -12.81 -9.58 -13.32
N MET B 106 -12.80 -8.37 -13.92
CA MET B 106 -13.84 -7.35 -13.88
C MET B 106 -14.06 -6.72 -15.30
N GLU B 107 -15.21 -6.03 -15.52
CA GLU B 107 -15.57 -5.30 -16.75
C GLU B 107 -14.55 -4.17 -16.97
N PHE B 108 -14.19 -3.93 -18.25
CA PHE B 108 -13.25 -2.88 -18.65
C PHE B 108 -13.97 -1.53 -18.90
N CYS B 109 -13.32 -0.37 -18.56
CA CYS B 109 -13.83 1.01 -18.72
C CYS B 109 -12.72 1.91 -19.33
N GLY B 110 -13.05 2.72 -20.34
CA GLY B 110 -12.09 3.52 -21.09
C GLY B 110 -11.72 4.93 -20.69
N ALA B 111 -12.69 5.74 -20.21
CA ALA B 111 -12.42 7.14 -19.84
C ALA B 111 -11.70 7.34 -18.48
N GLY B 112 -11.35 6.24 -17.80
CA GLY B 112 -10.61 6.29 -16.55
C GLY B 112 -11.36 6.74 -15.32
N SER B 113 -10.62 7.05 -14.24
CA SER B 113 -11.17 7.44 -12.94
C SER B 113 -11.65 8.87 -12.85
N ILE B 114 -12.50 9.14 -11.82
CA ILE B 114 -12.97 10.50 -11.53
C ILE B 114 -11.78 11.31 -10.96
N THR B 115 -10.76 10.65 -10.35
CA THR B 115 -9.55 11.32 -9.84
C THR B 115 -8.81 11.97 -11.03
N ASP B 116 -8.68 11.22 -12.17
CA ASP B 116 -8.07 11.68 -13.42
C ASP B 116 -8.89 12.84 -14.00
N LEU B 117 -10.23 12.69 -14.03
CA LEU B 117 -11.15 13.71 -14.51
C LEU B 117 -10.90 15.09 -13.87
N VAL B 118 -10.85 15.19 -12.53
CA VAL B 118 -10.64 16.44 -11.79
C VAL B 118 -9.17 16.94 -11.91
N LYS B 119 -8.20 16.02 -12.09
CA LYS B 119 -6.78 16.34 -12.26
C LYS B 119 -6.54 16.99 -13.64
N ASN B 120 -7.32 16.55 -14.65
CA ASN B 120 -7.26 17.02 -16.04
C ASN B 120 -8.25 18.19 -16.34
N THR B 121 -8.70 18.92 -15.29
CA THR B 121 -9.57 20.09 -15.41
C THR B 121 -8.86 21.32 -14.86
N LYS B 122 -9.14 22.48 -15.45
CA LYS B 122 -8.57 23.77 -15.04
C LYS B 122 -9.03 24.11 -13.62
N GLY B 123 -8.06 24.39 -12.76
CA GLY B 123 -8.28 24.71 -11.36
C GLY B 123 -8.54 23.51 -10.47
N ASN B 124 -8.46 22.28 -11.04
CA ASN B 124 -8.69 20.98 -10.38
C ASN B 124 -10.00 20.96 -9.58
N THR B 125 -11.07 21.39 -10.24
CA THR B 125 -12.39 21.48 -9.64
C THR B 125 -13.44 21.13 -10.68
N LEU B 126 -14.50 20.42 -10.26
CA LEU B 126 -15.59 20.05 -11.14
C LEU B 126 -16.80 20.94 -10.85
N LYS B 127 -17.65 21.16 -11.88
CA LYS B 127 -18.89 21.93 -11.76
C LYS B 127 -19.80 21.21 -10.78
N GLU B 128 -20.51 21.96 -9.92
CA GLU B 128 -21.41 21.39 -8.90
C GLU B 128 -22.45 20.42 -9.47
N ASP B 129 -23.03 20.70 -10.68
CA ASP B 129 -24.00 19.80 -11.30
C ASP B 129 -23.35 18.47 -11.76
N TRP B 130 -22.04 18.48 -12.05
CA TRP B 130 -21.28 17.29 -12.41
C TRP B 130 -21.10 16.42 -11.14
N ILE B 131 -20.75 17.06 -10.00
CA ILE B 131 -20.58 16.41 -8.70
C ILE B 131 -21.88 15.71 -8.30
N ALA B 132 -23.02 16.42 -8.46
CA ALA B 132 -24.37 15.91 -8.16
C ALA B 132 -24.70 14.67 -8.97
N TYR B 133 -24.39 14.67 -10.28
CA TYR B 133 -24.62 13.54 -11.17
C TYR B 133 -23.73 12.36 -10.81
N ILE B 134 -22.41 12.58 -10.69
CA ILE B 134 -21.43 11.52 -10.36
C ILE B 134 -21.73 10.89 -8.97
N SER B 135 -22.01 11.73 -7.93
CA SER B 135 -22.31 11.26 -6.57
C SER B 135 -23.57 10.39 -6.53
N ARG B 136 -24.63 10.76 -7.27
CA ARG B 136 -25.87 9.99 -7.37
C ARG B 136 -25.59 8.60 -7.96
N GLU B 137 -24.80 8.55 -9.04
CA GLU B 137 -24.40 7.29 -9.69
C GLU B 137 -23.60 6.41 -8.74
N ILE B 138 -22.70 7.01 -7.93
CA ILE B 138 -21.95 6.28 -6.89
C ILE B 138 -22.95 5.68 -5.90
N LEU B 139 -23.87 6.53 -5.38
CA LEU B 139 -24.92 6.13 -4.45
C LEU B 139 -25.83 5.03 -4.98
N ARG B 140 -26.15 5.05 -6.29
CA ARG B 140 -27.00 4.02 -6.89
C ARG B 140 -26.27 2.66 -6.93
N GLY B 141 -24.98 2.69 -7.27
CA GLY B 141 -24.12 1.51 -7.24
C GLY B 141 -24.00 0.95 -5.83
N LEU B 142 -23.82 1.87 -4.85
CA LEU B 142 -23.74 1.50 -3.43
C LEU B 142 -25.04 0.90 -2.92
N ALA B 143 -26.20 1.50 -3.31
CA ALA B 143 -27.54 1.02 -2.94
C ALA B 143 -27.71 -0.44 -3.37
N HIS B 144 -27.28 -0.77 -4.59
CA HIS B 144 -27.34 -2.13 -5.12
C HIS B 144 -26.48 -3.09 -4.27
N LEU B 145 -25.27 -2.67 -3.88
CA LEU B 145 -24.37 -3.49 -3.06
C LEU B 145 -24.91 -3.67 -1.64
N HIS B 146 -25.39 -2.57 -1.04
CA HIS B 146 -25.91 -2.57 0.33
C HIS B 146 -27.17 -3.43 0.50
N ILE B 147 -28.10 -3.38 -0.48
CA ILE B 147 -29.31 -4.20 -0.41
C ILE B 147 -28.98 -5.74 -0.46
N HIS B 148 -27.78 -6.09 -1.02
CA HIS B 148 -27.27 -7.46 -1.13
C HIS B 148 -26.26 -7.83 -0.04
N HIS B 149 -26.27 -7.07 1.08
CA HIS B 149 -25.41 -7.23 2.26
C HIS B 149 -23.90 -7.11 1.95
N VAL B 150 -23.54 -6.26 0.98
CA VAL B 150 -22.17 -6.05 0.55
C VAL B 150 -21.75 -4.61 0.80
N ILE B 151 -20.61 -4.44 1.51
CA ILE B 151 -19.95 -3.15 1.73
C ILE B 151 -18.86 -3.05 0.65
N HIS B 152 -18.77 -1.89 -0.03
CA HIS B 152 -17.72 -1.71 -1.05
C HIS B 152 -16.33 -1.64 -0.40
N ARG B 153 -16.18 -0.87 0.71
CA ARG B 153 -14.98 -0.70 1.55
C ARG B 153 -13.88 0.21 0.96
N ASP B 154 -13.91 0.52 -0.33
CA ASP B 154 -12.84 1.38 -0.84
C ASP B 154 -13.37 2.44 -1.84
N ILE B 155 -14.37 3.23 -1.42
CA ILE B 155 -14.93 4.30 -2.24
C ILE B 155 -13.95 5.47 -2.20
N LYS B 156 -13.54 5.93 -3.38
CA LYS B 156 -12.60 7.04 -3.61
C LYS B 156 -12.68 7.34 -5.10
N GLY B 157 -12.21 8.51 -5.51
CA GLY B 157 -12.22 8.91 -6.92
C GLY B 157 -11.51 7.96 -7.87
N GLN B 158 -10.42 7.34 -7.41
CA GLN B 158 -9.64 6.36 -8.15
C GLN B 158 -10.45 5.07 -8.40
N ASN B 159 -11.46 4.76 -7.56
CA ASN B 159 -12.29 3.57 -7.74
C ASN B 159 -13.69 3.86 -8.35
N VAL B 160 -13.87 5.08 -8.83
CA VAL B 160 -15.10 5.48 -9.51
C VAL B 160 -14.66 5.76 -10.96
N LEU B 161 -15.15 4.95 -11.91
CA LEU B 161 -14.73 5.04 -13.31
C LEU B 161 -15.77 5.53 -14.31
N LEU B 162 -15.29 6.08 -15.43
CA LEU B 162 -16.08 6.57 -16.56
C LEU B 162 -15.81 5.73 -17.80
N THR B 163 -16.87 5.44 -18.58
CA THR B 163 -16.77 4.74 -19.87
C THR B 163 -16.71 5.81 -20.95
N GLU B 164 -16.58 5.39 -22.23
CA GLU B 164 -16.55 6.31 -23.38
C GLU B 164 -17.85 7.14 -23.52
N ASN B 165 -19.01 6.57 -23.11
CA ASN B 165 -20.31 7.24 -23.18
C ASN B 165 -20.78 7.82 -21.82
N ALA B 166 -19.81 8.34 -21.01
CA ALA B 166 -19.98 8.99 -19.68
C ALA B 166 -20.83 8.22 -18.65
N GLU B 167 -20.77 6.87 -18.69
CA GLU B 167 -21.45 6.02 -17.70
C GLU B 167 -20.53 5.93 -16.49
N VAL B 168 -21.08 6.04 -15.27
CA VAL B 168 -20.32 5.97 -14.01
C VAL B 168 -20.38 4.55 -13.43
N LYS B 169 -19.20 3.95 -13.17
CA LYS B 169 -19.11 2.59 -12.65
C LYS B 169 -18.13 2.42 -11.50
N LEU B 170 -18.55 1.72 -10.46
CA LEU B 170 -17.70 1.43 -9.30
C LEU B 170 -16.83 0.21 -9.57
N VAL B 171 -15.51 0.34 -9.30
CA VAL B 171 -14.53 -0.77 -9.41
C VAL B 171 -15.03 -1.88 -8.49
N ASP B 172 -15.09 -3.11 -9.00
CA ASP B 172 -15.48 -4.29 -8.24
C ASP B 172 -14.65 -5.53 -8.70
N PHE B 173 -13.57 -5.85 -7.95
CA PHE B 173 -12.73 -7.02 -8.19
C PHE B 173 -13.09 -8.14 -7.19
N GLY B 174 -14.36 -8.14 -6.76
CA GLY B 174 -14.92 -9.08 -5.78
C GLY B 174 -15.03 -8.46 -4.40
N VAL B 175 -15.59 -7.22 -4.31
CA VAL B 175 -15.72 -6.42 -3.08
C VAL B 175 -16.38 -7.20 -1.91
N SER B 176 -17.21 -8.20 -2.23
CA SER B 176 -17.88 -9.05 -1.26
C SER B 176 -16.88 -9.86 -0.40
N ALA B 177 -15.82 -10.44 -1.01
CA ALA B 177 -14.80 -11.19 -0.27
C ALA B 177 -13.52 -10.43 0.06
N GLN B 178 -13.24 -9.32 -0.68
CA GLN B 178 -12.06 -8.45 -0.52
C GLN B 178 -10.72 -9.19 -0.82
N LEU B 179 -10.73 -10.06 -1.85
CA LEU B 179 -9.60 -10.88 -2.32
C LEU B 179 -8.40 -10.04 -2.76
N ASP B 180 -8.64 -8.86 -3.34
CA ASP B 180 -7.58 -7.93 -3.76
C ASP B 180 -6.99 -7.14 -2.57
N ARG B 181 -7.45 -7.41 -1.34
CA ARG B 181 -7.02 -6.76 -0.12
C ARG B 181 -6.61 -7.72 1.02
N THR B 182 -6.88 -9.03 0.88
CA THR B 182 -6.59 -10.04 1.90
C THR B 182 -5.40 -10.95 1.56
N VAL B 183 -5.02 -11.01 0.28
CA VAL B 183 -3.87 -11.83 -0.13
C VAL B 183 -2.80 -10.97 -0.83
N GLY B 184 -1.59 -11.52 -0.99
CA GLY B 184 -0.45 -10.86 -1.60
C GLY B 184 0.34 -10.02 -0.61
N ARG B 185 1.41 -9.36 -1.11
CA ARG B 185 2.31 -8.50 -0.32
C ARG B 185 1.59 -7.33 0.37
N ARG B 186 0.72 -6.66 -0.39
CA ARG B 186 -0.08 -5.48 -0.02
C ARG B 186 -1.18 -5.75 1.04
N ASN B 187 -1.44 -7.02 1.38
CA ASN B 187 -2.51 -7.43 2.31
C ASN B 187 -2.32 -6.95 3.76
N THR B 188 -1.08 -7.06 4.31
CA THR B 188 -0.77 -6.63 5.69
C THR B 188 -0.66 -5.08 5.84
N PHE B 189 -0.78 -4.33 4.74
CA PHE B 189 -0.67 -2.86 4.76
C PHE B 189 -1.92 -2.16 5.26
N ILE B 190 -1.74 -0.96 5.77
CA ILE B 190 -2.87 -0.14 6.19
C ILE B 190 -3.55 0.54 4.96
N GLY B 191 -2.77 1.03 4.01
CA GLY B 191 -3.29 1.67 2.80
C GLY B 191 -3.40 3.16 3.02
N THR B 192 -4.01 3.89 2.08
CA THR B 192 -4.20 5.33 2.18
C THR B 192 -5.38 5.62 3.12
N PRO B 193 -5.23 6.57 4.05
CA PRO B 193 -6.31 6.81 5.02
C PRO B 193 -7.38 7.83 4.66
N TYR B 194 -7.13 8.69 3.67
CA TYR B 194 -7.91 9.88 3.40
C TYR B 194 -9.42 9.69 3.16
N TRP B 195 -9.88 8.52 2.65
CA TRP B 195 -11.32 8.31 2.39
C TRP B 195 -11.94 7.42 3.45
N MET B 196 -11.14 7.07 4.48
CA MET B 196 -11.57 6.22 5.58
C MET B 196 -12.51 6.93 6.56
N ALA B 197 -13.59 6.23 6.91
CA ALA B 197 -14.57 6.68 7.89
C ALA B 197 -13.97 6.58 9.29
N PRO B 198 -14.35 7.45 10.26
CA PRO B 198 -13.77 7.34 11.62
C PRO B 198 -13.82 5.93 12.25
N GLU B 199 -14.96 5.21 12.09
CA GLU B 199 -15.18 3.87 12.69
C GLU B 199 -14.25 2.78 12.20
N VAL B 200 -13.63 2.99 11.07
CA VAL B 200 -12.74 2.00 10.49
C VAL B 200 -11.28 2.14 11.04
N ILE B 201 -10.99 3.26 11.68
CA ILE B 201 -9.68 3.57 12.25
C ILE B 201 -9.68 3.21 13.71
N ALA B 202 -8.85 2.24 14.12
CA ALA B 202 -8.81 1.83 15.52
C ALA B 202 -8.06 2.86 16.37
N CYS B 203 -8.72 3.33 17.44
CA CYS B 203 -8.17 4.31 18.36
C CYS B 203 -8.62 3.96 19.77
N ASP B 204 -8.19 4.73 20.79
CA ASP B 204 -8.47 4.48 22.21
C ASP B 204 -9.96 4.24 22.52
N GLU B 205 -10.87 5.03 21.91
CA GLU B 205 -12.33 4.90 22.09
C GLU B 205 -12.99 3.91 21.13
N ASN B 206 -12.23 3.39 20.15
CA ASN B 206 -12.69 2.41 19.16
C ASN B 206 -11.63 1.29 19.00
N PRO B 207 -11.36 0.48 20.07
CA PRO B 207 -10.32 -0.57 19.99
C PRO B 207 -10.47 -1.61 18.86
N ASP B 208 -11.72 -1.99 18.57
CA ASP B 208 -12.03 -2.94 17.51
C ASP B 208 -12.84 -2.21 16.44
N ALA B 209 -12.19 -1.90 15.31
CA ALA B 209 -12.77 -1.25 14.14
C ALA B 209 -14.03 -1.98 13.62
N THR B 210 -14.94 -1.23 13.02
CA THR B 210 -16.17 -1.77 12.44
C THR B 210 -16.40 -1.19 11.04
N TYR B 211 -16.59 -2.06 10.04
CA TYR B 211 -16.94 -1.65 8.68
C TYR B 211 -18.44 -1.91 8.59
N ASP B 212 -19.19 -0.85 8.29
CA ASP B 212 -20.63 -0.91 8.21
C ASP B 212 -20.96 -0.35 6.83
N TYR B 213 -22.17 -0.62 6.30
CA TYR B 213 -22.58 -0.10 4.98
C TYR B 213 -22.45 1.45 4.93
N ARG B 214 -22.63 2.12 6.08
CA ARG B 214 -22.56 3.56 6.25
C ARG B 214 -21.14 4.10 6.14
N SER B 215 -20.10 3.23 6.27
CA SER B 215 -18.68 3.62 6.06
C SER B 215 -18.49 4.08 4.61
N ASP B 216 -19.24 3.50 3.66
CA ASP B 216 -19.20 3.86 2.24
C ASP B 216 -19.77 5.23 1.96
N LEU B 217 -20.71 5.66 2.81
CA LEU B 217 -21.38 6.95 2.68
C LEU B 217 -20.45 8.09 3.10
N TRP B 218 -19.65 7.88 4.15
CA TRP B 218 -18.61 8.82 4.55
C TRP B 218 -17.63 8.97 3.36
N SER B 219 -17.16 7.84 2.81
CA SER B 219 -16.24 7.79 1.67
C SER B 219 -16.80 8.50 0.43
N CYS B 220 -18.14 8.41 0.20
CA CYS B 220 -18.87 9.13 -0.86
C CYS B 220 -18.77 10.65 -0.62
N GLY B 221 -18.87 11.08 0.64
CA GLY B 221 -18.77 12.48 1.02
C GLY B 221 -17.38 13.04 0.78
N ILE B 222 -16.34 12.25 1.14
CA ILE B 222 -14.94 12.60 0.92
C ILE B 222 -14.65 12.67 -0.59
N THR B 223 -15.25 11.76 -1.38
CA THR B 223 -15.14 11.73 -2.85
C THR B 223 -15.78 12.99 -3.49
N ALA B 224 -16.86 13.54 -2.90
CA ALA B 224 -17.49 14.78 -3.40
C ALA B 224 -16.60 16.00 -3.10
N ILE B 225 -15.86 15.99 -1.97
CA ILE B 225 -14.89 17.05 -1.66
C ILE B 225 -13.74 16.97 -2.66
N GLU B 226 -13.30 15.73 -2.99
CA GLU B 226 -12.24 15.44 -3.96
C GLU B 226 -12.64 15.95 -5.34
N MET B 227 -13.92 15.81 -5.75
CA MET B 227 -14.40 16.31 -7.03
C MET B 227 -14.44 17.85 -7.03
N ALA B 228 -14.70 18.43 -5.86
CA ALA B 228 -14.81 19.88 -5.66
C ALA B 228 -13.47 20.61 -5.52
N GLU B 229 -12.46 19.95 -4.93
CA GLU B 229 -11.17 20.58 -4.61
C GLU B 229 -9.96 19.91 -5.24
N GLY B 230 -10.16 18.76 -5.87
CA GLY B 230 -9.11 18.01 -6.54
C GLY B 230 -8.34 17.05 -5.66
N ALA B 231 -8.56 17.14 -4.35
CA ALA B 231 -7.88 16.34 -3.35
C ALA B 231 -8.80 16.15 -2.15
N PRO B 232 -8.66 15.05 -1.38
CA PRO B 232 -9.49 14.89 -0.19
C PRO B 232 -9.03 15.81 0.92
N PRO B 233 -9.82 16.02 2.00
CA PRO B 233 -9.31 16.83 3.12
C PRO B 233 -8.07 16.15 3.73
N LEU B 234 -7.22 16.95 4.38
CA LEU B 234 -6.01 16.46 5.07
C LEU B 234 -4.94 15.90 4.10
N CYS B 235 -5.07 16.20 2.78
CA CYS B 235 -4.14 15.81 1.73
C CYS B 235 -2.71 16.34 1.97
N ASP B 236 -2.58 17.46 2.68
CA ASP B 236 -1.33 18.14 3.07
C ASP B 236 -0.65 17.48 4.28
N MET B 237 -1.34 16.51 4.90
CA MET B 237 -0.84 15.79 6.07
C MET B 237 -0.20 14.48 5.69
N HIS B 238 0.84 14.09 6.43
CA HIS B 238 1.51 12.78 6.33
C HIS B 238 0.39 11.73 6.57
N PRO B 239 0.32 10.61 5.81
CA PRO B 239 -0.78 9.64 5.99
C PRO B 239 -0.99 9.16 7.43
N MET B 240 0.08 9.01 8.21
CA MET B 240 0.00 8.57 9.62
C MET B 240 -0.68 9.62 10.47
N ARG B 241 -0.35 10.90 10.21
CA ARG B 241 -0.93 12.07 10.88
C ARG B 241 -2.43 12.20 10.54
N ALA B 242 -2.80 11.96 9.26
CA ALA B 242 -4.19 11.98 8.80
C ALA B 242 -5.01 10.91 9.51
N LEU B 243 -4.43 9.69 9.65
CA LEU B 243 -5.06 8.55 10.31
C LEU B 243 -5.47 8.86 11.75
N PHE B 244 -4.62 9.63 12.45
CA PHE B 244 -4.84 10.06 13.82
C PHE B 244 -5.92 11.16 13.89
N LEU B 245 -5.96 12.05 12.89
CA LEU B 245 -6.87 13.18 12.90
C LEU B 245 -8.30 12.88 12.48
N ILE B 246 -8.53 11.95 11.54
CA ILE B 246 -9.90 11.63 11.07
C ILE B 246 -10.89 11.32 12.25
N PRO B 247 -10.57 10.40 13.19
CA PRO B 247 -11.51 10.12 14.31
C PRO B 247 -11.66 11.24 15.33
N ARG B 248 -10.65 12.14 15.43
N ARG B 248 -10.67 12.15 15.41
CA ARG B 248 -10.59 13.25 16.37
CA ARG B 248 -10.61 13.24 16.39
C ARG B 248 -11.25 14.52 15.86
C ARG B 248 -11.14 14.58 15.90
N ASN B 249 -10.92 14.90 14.61
CA ASN B 249 -11.38 16.12 13.98
C ASN B 249 -12.89 16.16 13.79
N PRO B 250 -13.53 17.36 13.86
CA PRO B 250 -14.96 17.45 13.53
C PRO B 250 -15.19 17.09 12.04
N PRO B 251 -16.42 16.84 11.57
CA PRO B 251 -16.61 16.51 10.15
C PRO B 251 -15.89 17.50 9.20
N PRO B 252 -15.18 16.99 8.17
CA PRO B 252 -14.51 17.89 7.22
C PRO B 252 -15.49 18.78 6.45
N ARG B 253 -15.00 19.94 5.99
CA ARG B 253 -15.81 20.90 5.24
C ARG B 253 -15.16 21.34 3.96
N LEU B 254 -15.96 21.81 3.00
CA LEU B 254 -15.47 22.41 1.75
C LEU B 254 -14.82 23.74 2.14
N LYS B 255 -13.64 24.05 1.58
CA LYS B 255 -12.88 25.27 1.88
C LYS B 255 -13.55 26.53 1.34
N SER B 256 -14.07 26.48 0.09
CA SER B 256 -14.73 27.61 -0.55
C SER B 256 -16.18 27.81 -0.07
N LYS B 257 -16.68 29.06 -0.20
CA LYS B 257 -18.05 29.43 0.16
C LYS B 257 -18.93 29.56 -1.08
N LYS B 258 -18.34 29.41 -2.29
CA LYS B 258 -19.02 29.51 -3.59
C LYS B 258 -20.13 28.48 -3.80
N TRP B 259 -20.00 27.31 -3.16
CA TRP B 259 -20.91 26.18 -3.26
C TRP B 259 -22.32 26.50 -2.76
N SER B 260 -23.33 25.82 -3.34
CA SER B 260 -24.72 25.99 -2.96
C SER B 260 -24.98 25.41 -1.57
N LYS B 261 -26.08 25.85 -0.92
CA LYS B 261 -26.57 25.40 0.37
C LYS B 261 -26.85 23.89 0.34
N LYS B 262 -27.36 23.37 -0.80
CA LYS B 262 -27.69 21.95 -1.03
C LYS B 262 -26.43 21.09 -1.01
N PHE B 263 -25.32 21.59 -1.61
CA PHE B 263 -24.06 20.88 -1.66
C PHE B 263 -23.42 20.80 -0.27
N PHE B 264 -23.43 21.90 0.49
CA PHE B 264 -22.91 21.93 1.87
C PHE B 264 -23.71 20.95 2.75
N SER B 265 -25.05 20.90 2.55
CA SER B 265 -25.97 20.02 3.27
C SER B 265 -25.74 18.56 2.93
N PHE B 266 -25.44 18.25 1.64
CA PHE B 266 -25.12 16.89 1.18
C PHE B 266 -23.86 16.37 1.86
N ILE B 267 -22.80 17.19 1.89
CA ILE B 267 -21.49 16.89 2.52
C ILE B 267 -21.71 16.62 4.01
N GLU B 268 -22.50 17.50 4.65
CA GLU B 268 -22.85 17.41 6.07
C GLU B 268 -23.60 16.11 6.37
N GLY B 269 -24.50 15.74 5.45
CA GLY B 269 -25.29 14.53 5.53
C GLY B 269 -24.44 13.27 5.52
N CYS B 270 -23.45 13.20 4.59
CA CYS B 270 -22.48 12.11 4.44
C CYS B 270 -21.53 12.04 5.63
N LEU B 271 -20.96 13.19 5.99
CA LEU B 271 -19.89 13.21 6.97
C LEU B 271 -20.34 13.32 8.43
N VAL B 272 -21.24 12.41 8.87
CA VAL B 272 -21.62 12.32 10.28
C VAL B 272 -20.52 11.46 10.94
N LYS B 273 -19.80 12.00 11.95
CA LYS B 273 -18.71 11.28 12.62
C LYS B 273 -19.16 9.88 13.09
N ASN B 274 -20.24 9.85 13.90
CA ASN B 274 -20.78 8.62 14.45
C ASN B 274 -21.60 7.94 13.39
N TYR B 275 -21.19 6.72 13.01
CA TYR B 275 -21.89 5.98 11.96
C TYR B 275 -23.29 5.55 12.38
N MET B 276 -23.53 5.35 13.70
CA MET B 276 -24.82 4.95 14.27
C MET B 276 -25.87 6.04 13.99
N GLN B 277 -25.38 7.28 13.74
CA GLN B 277 -26.20 8.47 13.48
C GLN B 277 -26.07 8.98 12.04
N ARG B 278 -25.44 8.20 11.14
CA ARG B 278 -25.25 8.59 9.73
C ARG B 278 -26.44 8.13 8.88
N PRO B 279 -26.98 8.90 7.89
CA PRO B 279 -28.12 8.38 7.09
C PRO B 279 -27.76 7.16 6.25
N SER B 280 -28.78 6.41 5.81
CA SER B 280 -28.58 5.25 4.94
C SER B 280 -28.40 5.75 3.50
N THR B 281 -28.06 4.83 2.60
CA THR B 281 -27.90 5.12 1.17
C THR B 281 -29.21 5.63 0.57
N GLU B 282 -30.34 4.98 0.93
CA GLU B 282 -31.68 5.35 0.47
C GLU B 282 -32.08 6.75 0.88
N GLN B 283 -31.75 7.14 2.13
CA GLN B 283 -32.01 8.48 2.68
C GLN B 283 -31.18 9.53 1.91
N LEU B 284 -29.90 9.22 1.62
CA LEU B 284 -29.00 10.14 0.90
C LEU B 284 -29.37 10.30 -0.58
N LEU B 285 -29.96 9.24 -1.19
CA LEU B 285 -30.43 9.31 -2.58
C LEU B 285 -31.63 10.28 -2.69
N LYS B 286 -32.34 10.52 -1.56
CA LYS B 286 -33.49 11.43 -1.46
C LYS B 286 -33.11 12.86 -1.05
N HIS B 287 -31.79 13.13 -0.88
CA HIS B 287 -31.27 14.46 -0.51
C HIS B 287 -31.44 15.42 -1.70
N PRO B 288 -31.94 16.66 -1.48
CA PRO B 288 -32.17 17.59 -2.62
C PRO B 288 -31.03 17.76 -3.62
N PHE B 289 -29.76 17.70 -3.16
CA PHE B 289 -28.57 17.82 -4.00
C PHE B 289 -28.44 16.65 -4.99
N ILE B 290 -28.93 15.47 -4.57
CA ILE B 290 -28.88 14.24 -5.35
C ILE B 290 -30.18 14.07 -6.16
N ARG B 291 -31.32 14.17 -5.47
CA ARG B 291 -32.68 13.99 -5.96
C ARG B 291 -33.08 15.06 -7.00
N ASP B 292 -32.75 16.34 -6.76
CA ASP B 292 -33.15 17.43 -7.67
C ASP B 292 -32.04 17.85 -8.64
N GLN B 293 -32.00 17.19 -9.82
CA GLN B 293 -31.01 17.45 -10.85
C GLN B 293 -31.66 17.90 -12.21
N PRO B 294 -32.08 19.20 -12.31
CA PRO B 294 -32.75 19.65 -13.55
C PRO B 294 -31.93 19.57 -14.83
N ASN B 295 -30.65 19.98 -14.77
CA ASN B 295 -29.75 19.98 -15.92
C ASN B 295 -29.05 18.61 -16.17
N GLU B 296 -29.65 17.51 -15.69
CA GLU B 296 -29.17 16.12 -15.80
C GLU B 296 -28.73 15.72 -17.20
N ARG B 297 -29.55 16.03 -18.22
CA ARG B 297 -29.26 15.66 -19.61
C ARG B 297 -28.05 16.40 -20.18
N GLN B 298 -27.94 17.73 -19.93
CA GLN B 298 -26.80 18.53 -20.41
C GLN B 298 -25.49 18.15 -19.73
N VAL B 299 -25.54 17.71 -18.45
CA VAL B 299 -24.38 17.29 -17.65
C VAL B 299 -23.73 16.08 -18.34
N ARG B 300 -24.54 15.06 -18.69
CA ARG B 300 -24.09 13.85 -19.39
C ARG B 300 -23.43 14.18 -20.73
N ILE B 301 -23.97 15.20 -21.44
CA ILE B 301 -23.46 15.70 -22.72
C ILE B 301 -22.13 16.42 -22.47
N GLN B 302 -22.07 17.27 -21.42
CA GLN B 302 -20.88 18.04 -21.01
C GLN B 302 -19.74 17.11 -20.62
N LEU B 303 -20.07 15.96 -19.98
CA LEU B 303 -19.09 14.95 -19.56
C LEU B 303 -18.56 14.19 -20.76
N LYS B 304 -19.47 13.72 -21.67
CA LYS B 304 -19.12 13.01 -22.90
C LYS B 304 -18.17 13.87 -23.76
N ASP B 305 -18.50 15.18 -23.91
CA ASP B 305 -17.70 16.15 -24.66
C ASP B 305 -16.33 16.39 -24.02
N HIS B 306 -16.26 16.33 -22.67
CA HIS B 306 -15.00 16.48 -21.92
C HIS B 306 -14.13 15.23 -22.08
N ILE B 307 -14.75 14.04 -22.18
CA ILE B 307 -14.06 12.75 -22.36
C ILE B 307 -13.33 12.72 -23.70
N ASP B 308 -14.01 13.18 -24.77
CA ASP B 308 -13.48 13.23 -26.13
C ASP B 308 -12.38 14.28 -26.30
N ARG B 309 -12.52 15.48 -25.72
CA ARG B 309 -11.51 16.53 -25.83
C ARG B 309 -10.21 16.17 -25.09
N THR B 310 -10.30 15.43 -23.96
CA THR B 310 -9.15 14.98 -23.17
C THR B 310 -8.43 13.81 -23.90
N ARG B 311 -9.20 12.93 -24.58
CA ARG B 311 -8.72 11.77 -25.34
C ARG B 311 -7.73 12.17 -26.46
N LYS B 312 -8.09 13.23 -27.22
CA LYS B 312 -7.33 13.75 -28.35
C LYS B 312 -6.42 14.89 -27.92
C14 9X4 C . 11.16 -1.94 -1.76
C5 9X4 C . 16.32 2.83 -2.61
C11 9X4 C . 13.61 0.71 -2.72
C7 9X4 C . 14.93 2.97 -3.16
C8 9X4 C . 14.23 4.15 -2.50
C9 9X4 C . 14.97 3.24 -4.69
C10 9X4 C . 14.18 1.74 -2.88
C12 9X4 C . 12.99 -0.58 -2.56
C13 9X4 C . 11.74 -0.69 -1.94
C3 9X4 C . 18.04 2.29 -1.54
C1 9X4 C . 19.71 3.83 -2.86
C2 9X4 C . 18.43 3.21 -2.45
N4 9X4 C . 16.70 2.05 -1.66
O6 9X4 C . 17.33 3.59 -3.16
C15 9X4 C . 11.80 -3.11 -2.19
C16 9X4 C . 13.05 -2.98 -2.82
C17 9X4 C . 13.63 -1.73 -3.01
C18 9X4 C . 13.87 -4.11 -3.38
N19 9X4 C . 15.04 -3.82 -3.90
C20 9X4 C . 15.57 -5.02 -4.36
C21 9X4 C . 14.68 -6.06 -4.12
N22 9X4 C . 13.57 -5.45 -3.45
C23 9X4 C . 12.36 -6.07 -2.85
C24 9X4 C . 11.05 -5.35 -3.26
C25 9X4 C . 11.11 -4.44 -1.99
C26 9X4 C . 12.07 -5.54 -1.42
C27 9X4 C . 14.62 -7.54 -4.37
O28 9X4 C . 13.62 -8.19 -4.08
N29 9X4 C . 15.67 -8.11 -4.93
C30 9X4 C . 15.67 -9.50 -5.33
C31 9X4 C . 16.95 -5.07 -4.86
O32 9X4 C . 17.42 -6.09 -5.37
N33 9X4 C . 17.63 -3.93 -4.75
#